data_6VZC
#
_entry.id   6VZC
#
_entity_poly.entity_id   1
_entity_poly.type   'polyribonucleotide'
_entity_poly.pdbx_seq_one_letter_code
;GGGCUGUGAUGCUUCGGCAUAUCAGCCC
;
_entity_poly.pdbx_strand_id   A
#